data_1BKU
#
_entry.id   1BKU
#
_cell.length_a   1.000
_cell.length_b   1.000
_cell.length_c   1.000
_cell.angle_alpha   90.00
_cell.angle_beta   90.00
_cell.angle_gamma   90.00
#
_symmetry.space_group_name_H-M   'P 1'
#
_entity_poly.entity_id   1
_entity_poly.type   'polypeptide(L)'
_entity_poly.pdbx_seq_one_letter_code
;CSNLSTCVLGKLSQELHKLQTYPRTDVGAGTP(NH2)
;
_entity_poly.pdbx_strand_id   A
#
loop_
_chem_comp.id
_chem_comp.type
_chem_comp.name
_chem_comp.formula
NH2 non-polymer 'AMINO GROUP' 'H2 N'
#
# COMPACT_ATOMS: atom_id res chain seq x y z
N CYS A 1 -4.59 8.79 9.60
CA CYS A 1 -4.91 10.12 9.06
C CYS A 1 -5.33 11.08 10.16
N SER A 2 -4.57 12.16 10.35
CA SER A 2 -4.76 13.17 11.37
C SER A 2 -5.38 14.42 10.75
N ASN A 3 -4.66 15.02 9.79
CA ASN A 3 -5.05 16.26 9.12
C ASN A 3 -4.70 16.18 7.64
N LEU A 4 -3.41 16.03 7.32
CA LEU A 4 -2.91 15.93 5.96
C LEU A 4 -1.58 15.19 5.88
N SER A 5 -0.68 15.44 6.84
CA SER A 5 0.64 14.83 6.87
C SER A 5 0.53 13.31 7.04
N THR A 6 -0.02 12.87 8.17
CA THR A 6 -0.25 11.47 8.49
C THR A 6 -1.15 10.80 7.46
N CYS A 7 -2.08 11.55 6.84
CA CYS A 7 -3.01 11.04 5.84
C CYS A 7 -2.25 10.64 4.57
N VAL A 8 -1.43 11.54 4.03
CA VAL A 8 -0.65 11.31 2.82
C VAL A 8 0.40 10.22 3.06
N LEU A 9 1.15 10.31 4.17
CA LEU A 9 2.14 9.31 4.54
C LEU A 9 1.49 7.92 4.67
N GLY A 10 0.33 7.86 5.33
CA GLY A 10 -0.45 6.63 5.49
C GLY A 10 -0.88 6.04 4.15
N LYS A 11 -1.37 6.89 3.24
CA LYS A 11 -1.82 6.49 1.92
C LYS A 11 -0.68 5.87 1.11
N LEU A 12 0.47 6.56 1.05
CA LEU A 12 1.65 6.10 0.33
C LEU A 12 2.19 4.79 0.92
N SER A 13 2.22 4.70 2.26
CA SER A 13 2.66 3.50 2.97
C SER A 13 1.76 2.31 2.64
N GLN A 14 0.44 2.52 2.61
CA GLN A 14 -0.54 1.50 2.29
C GLN A 14 -0.41 1.06 0.82
N GLU A 15 -0.17 2.00 -0.09
CA GLU A 15 0.03 1.72 -1.52
C GLU A 15 1.26 0.84 -1.70
N LEU A 16 2.38 1.22 -1.07
CA LEU A 16 3.63 0.47 -1.08
C LEU A 16 3.41 -0.94 -0.53
N HIS A 17 2.73 -1.06 0.60
CA HIS A 17 2.42 -2.33 1.24
C HIS A 17 1.57 -3.22 0.34
N LYS A 18 0.57 -2.64 -0.35
CA LYS A 18 -0.31 -3.36 -1.25
C LYS A 18 0.49 -4.03 -2.37
N LEU A 19 1.47 -3.31 -2.95
CA LEU A 19 2.37 -3.87 -3.95
C LEU A 19 3.25 -4.94 -3.32
N GLN A 20 4.15 -4.53 -2.41
CA GLN A 20 5.18 -5.32 -1.73
C GLN A 20 6.08 -6.12 -2.69
N THR A 21 5.56 -7.18 -3.31
CA THR A 21 6.22 -7.99 -4.31
C THR A 21 5.61 -7.69 -5.67
N TYR A 22 4.27 -7.73 -5.76
CA TYR A 22 3.49 -7.49 -6.96
C TYR A 22 3.92 -8.42 -8.11
N PRO A 23 3.60 -9.73 -8.03
CA PRO A 23 3.82 -10.67 -9.11
C PRO A 23 2.68 -10.54 -10.12
N ARG A 24 2.57 -9.36 -10.75
CA ARG A 24 1.43 -8.93 -11.54
C ARG A 24 0.15 -9.06 -10.72
N THR A 25 0.07 -8.26 -9.65
CA THR A 25 -0.97 -8.28 -8.62
C THR A 25 -0.75 -9.46 -7.67
N ASP A 26 -0.90 -9.19 -6.36
CA ASP A 26 -0.67 -10.14 -5.29
C ASP A 26 -1.91 -11.01 -5.09
N VAL A 27 -2.21 -11.85 -6.09
CA VAL A 27 -3.34 -12.77 -6.08
C VAL A 27 -3.04 -13.93 -5.13
N GLY A 28 -1.92 -14.63 -5.37
CA GLY A 28 -1.50 -15.78 -4.59
C GLY A 28 -2.20 -17.04 -5.09
N ALA A 29 -3.51 -17.12 -4.86
CA ALA A 29 -4.35 -18.23 -5.31
C ALA A 29 -4.80 -17.99 -6.76
N GLY A 30 -3.83 -18.00 -7.68
CA GLY A 30 -4.08 -17.87 -9.11
C GLY A 30 -4.71 -19.14 -9.65
N THR A 31 -4.00 -20.26 -9.49
CA THR A 31 -4.46 -21.59 -9.85
C THR A 31 -4.19 -22.52 -8.65
N PRO A 32 -5.04 -22.48 -7.62
CA PRO A 32 -4.84 -23.24 -6.39
C PRO A 32 -5.10 -24.74 -6.61
N NH2 A 33 -6.18 -25.08 -7.32
HN1 NH2 A 33 -6.38 -26.05 -7.49
HN2 NH2 A 33 -6.79 -24.37 -7.69
N CYS A 1 -7.88 10.09 10.09
CA CYS A 1 -7.05 10.74 9.06
C CYS A 1 -6.74 12.18 9.45
N SER A 2 -7.73 13.09 9.28
CA SER A 2 -7.66 14.50 9.63
C SER A 2 -6.51 15.22 8.91
N ASN A 3 -5.36 15.36 9.58
CA ASN A 3 -4.19 16.03 9.05
C ASN A 3 -3.58 15.21 7.91
N LEU A 4 -3.49 15.81 6.72
CA LEU A 4 -2.93 15.20 5.52
C LEU A 4 -1.40 15.33 5.56
N SER A 5 -0.80 14.65 6.54
CA SER A 5 0.64 14.60 6.76
C SER A 5 0.95 13.21 7.31
N THR A 6 0.44 12.90 8.50
CA THR A 6 0.47 11.55 9.06
C THR A 6 -0.40 10.63 8.19
N CYS A 7 -1.61 11.10 7.85
CA CYS A 7 -2.55 10.34 7.05
C CYS A 7 -2.01 10.07 5.65
N VAL A 8 -1.51 11.09 4.96
CA VAL A 8 -1.08 10.96 3.56
C VAL A 8 0.14 10.04 3.44
N LEU A 9 1.12 10.18 4.35
CA LEU A 9 2.29 9.31 4.40
C LEU A 9 1.87 7.87 4.69
N GLY A 10 0.96 7.68 5.66
CA GLY A 10 0.41 6.38 6.00
C GLY A 10 -0.27 5.71 4.80
N LYS A 11 -1.06 6.48 4.05
CA LYS A 11 -1.81 6.01 2.90
C LYS A 11 -0.87 5.49 1.81
N LEU A 12 0.04 6.35 1.32
CA LEU A 12 0.93 5.99 0.23
C LEU A 12 1.90 4.87 0.63
N SER A 13 2.34 4.84 1.89
CA SER A 13 3.21 3.79 2.40
C SER A 13 2.49 2.44 2.34
N GLN A 14 1.26 2.38 2.87
CA GLN A 14 0.44 1.17 2.87
C GLN A 14 0.09 0.73 1.46
N GLU A 15 -0.18 1.69 0.55
CA GLU A 15 -0.53 1.41 -0.83
C GLU A 15 0.64 0.73 -1.55
N LEU A 16 1.83 1.32 -1.48
CA LEU A 16 3.05 0.80 -2.07
C LEU A 16 3.39 -0.59 -1.50
N HIS A 17 3.32 -0.73 -0.17
CA HIS A 17 3.54 -1.98 0.53
C HIS A 17 2.61 -3.07 0.00
N LYS A 18 1.30 -2.79 -0.04
CA LYS A 18 0.25 -3.71 -0.45
C LYS A 18 0.49 -4.23 -1.87
N LEU A 19 0.62 -3.33 -2.85
CA LEU A 19 0.79 -3.72 -4.24
C LEU A 19 2.14 -4.40 -4.48
N GLN A 20 3.19 -4.06 -3.70
CA GLN A 20 4.49 -4.71 -3.81
C GLN A 20 4.38 -6.20 -3.52
N THR A 21 3.53 -6.60 -2.56
CA THR A 21 3.09 -7.99 -2.43
C THR A 21 1.89 -8.23 -3.35
N TYR A 22 2.15 -8.28 -4.66
CA TYR A 22 1.15 -8.56 -5.70
C TYR A 22 0.41 -9.87 -5.40
N PRO A 23 -0.88 -9.97 -5.74
CA PRO A 23 -1.70 -11.11 -5.40
C PRO A 23 -1.34 -12.35 -6.24
N ARG A 24 -0.95 -12.15 -7.50
CA ARG A 24 -0.68 -13.21 -8.46
C ARG A 24 0.67 -12.99 -9.15
N THR A 25 1.07 -13.98 -9.96
CA THR A 25 2.26 -14.00 -10.81
C THR A 25 3.53 -13.62 -10.05
N ASP A 26 4.03 -12.41 -10.25
CA ASP A 26 5.25 -11.89 -9.62
C ASP A 26 4.89 -11.33 -8.25
N VAL A 27 4.62 -12.24 -7.29
CA VAL A 27 4.21 -11.90 -5.93
C VAL A 27 5.26 -11.00 -5.26
N GLY A 28 6.51 -11.48 -5.19
CA GLY A 28 7.61 -10.74 -4.60
C GLY A 28 7.51 -10.74 -3.07
N ALA A 29 7.74 -9.59 -2.44
CA ALA A 29 7.72 -9.42 -1.00
C ALA A 29 7.41 -7.97 -0.67
N GLY A 30 6.35 -7.73 0.11
CA GLY A 30 5.88 -6.40 0.46
C GLY A 30 6.78 -5.79 1.53
N THR A 31 7.52 -4.73 1.17
CA THR A 31 8.41 -3.98 2.04
C THR A 31 9.43 -4.92 2.71
N PRO A 32 10.44 -5.40 1.96
CA PRO A 32 11.41 -6.37 2.45
C PRO A 32 12.45 -5.70 3.36
N NH2 A 33 13.15 -6.50 4.17
HN1 NH2 A 33 13.84 -6.12 4.78
HN2 NH2 A 33 12.98 -7.50 4.15
N CYS A 1 -9.21 11.83 8.96
CA CYS A 1 -7.84 12.36 9.03
C CYS A 1 -7.82 13.88 8.96
N SER A 2 -7.70 14.55 10.11
CA SER A 2 -7.50 15.98 10.20
C SER A 2 -6.11 16.34 9.68
N ASN A 3 -5.09 15.70 10.25
CA ASN A 3 -3.70 15.85 9.82
C ASN A 3 -3.48 15.02 8.55
N LEU A 4 -3.62 15.66 7.39
CA LEU A 4 -3.37 15.06 6.09
C LEU A 4 -1.88 15.16 5.76
N SER A 5 -1.05 14.49 6.57
CA SER A 5 0.39 14.45 6.42
C SER A 5 0.90 13.08 6.90
N THR A 6 0.67 12.77 8.18
CA THR A 6 0.97 11.48 8.76
C THR A 6 0.03 10.42 8.17
N CYS A 7 -1.26 10.74 8.06
CA CYS A 7 -2.28 9.89 7.46
C CYS A 7 -1.99 9.64 5.98
N VAL A 8 -1.62 10.70 5.25
CA VAL A 8 -1.28 10.63 3.83
C VAL A 8 -0.05 9.73 3.62
N LEU A 9 1.01 9.96 4.40
CA LEU A 9 2.23 9.16 4.36
C LEU A 9 1.94 7.69 4.65
N GLY A 10 1.13 7.42 5.68
CA GLY A 10 0.73 6.07 6.06
C GLY A 10 -0.06 5.38 4.94
N LYS A 11 -0.98 6.12 4.31
CA LYS A 11 -1.83 5.60 3.25
C LYS A 11 -0.99 5.18 2.04
N LEU A 12 -0.20 6.10 1.46
CA LEU A 12 0.60 5.80 0.28
C LEU A 12 1.65 4.72 0.56
N SER A 13 2.21 4.69 1.78
CA SER A 13 3.15 3.65 2.20
C SER A 13 2.46 2.28 2.18
N GLN A 14 1.31 2.16 2.85
CA GLN A 14 0.52 0.94 2.91
C GLN A 14 0.23 0.42 1.50
N GLU A 15 -0.22 1.30 0.60
CA GLU A 15 -0.58 0.96 -0.77
C GLU A 15 0.64 0.44 -1.56
N LEU A 16 1.73 1.22 -1.64
CA LEU A 16 2.88 0.87 -2.46
C LEU A 16 3.57 -0.41 -1.98
N HIS A 17 3.59 -0.65 -0.66
CA HIS A 17 4.10 -1.89 -0.09
C HIS A 17 3.16 -3.06 -0.39
N LYS A 18 1.84 -2.85 -0.28
CA LYS A 18 0.84 -3.90 -0.47
C LYS A 18 0.85 -4.44 -1.90
N LEU A 19 0.85 -3.54 -2.91
CA LEU A 19 0.83 -3.93 -4.31
C LEU A 19 2.15 -4.58 -4.78
N GLN A 20 3.20 -4.55 -3.96
CA GLN A 20 4.45 -5.25 -4.21
C GLN A 20 4.42 -6.60 -3.50
N THR A 21 4.29 -6.57 -2.17
CA THR A 21 4.42 -7.71 -1.29
C THR A 21 3.23 -8.66 -1.41
N TYR A 22 2.01 -8.13 -1.31
CA TYR A 22 0.77 -8.87 -1.11
C TYR A 22 0.87 -9.75 0.14
N PRO A 23 0.78 -9.16 1.34
CA PRO A 23 0.92 -9.87 2.61
C PRO A 23 -0.09 -11.01 2.75
N ARG A 24 -1.39 -10.70 2.57
CA ARG A 24 -2.50 -11.62 2.69
C ARG A 24 -2.53 -12.27 4.07
N THR A 25 -2.43 -11.43 5.12
CA THR A 25 -2.43 -11.83 6.52
C THR A 25 -3.28 -10.82 7.31
N ASP A 26 -2.71 -9.63 7.55
CA ASP A 26 -3.39 -8.50 8.17
C ASP A 26 -2.71 -7.21 7.70
N VAL A 27 -2.47 -7.11 6.39
CA VAL A 27 -1.80 -6.00 5.73
C VAL A 27 -0.46 -5.72 6.39
N GLY A 28 0.49 -6.66 6.27
CA GLY A 28 1.87 -6.50 6.70
C GLY A 28 2.64 -5.71 5.63
N ALA A 29 2.27 -4.44 5.45
CA ALA A 29 2.72 -3.59 4.36
C ALA A 29 2.70 -2.13 4.80
N GLY A 30 3.83 -1.44 4.67
CA GLY A 30 3.98 -0.03 4.99
C GLY A 30 3.83 0.20 6.50
N THR A 31 2.84 1.03 6.88
CA THR A 31 2.57 1.36 8.28
C THR A 31 2.11 0.12 9.07
N PRO A 32 0.96 -0.51 8.76
CA PRO A 32 0.54 -1.73 9.42
C PRO A 32 1.41 -2.93 9.00
N NH2 A 33 1.33 -4.02 9.77
HN1 NH2 A 33 0.73 -4.03 10.58
HN2 NH2 A 33 1.88 -4.83 9.54
N CYS A 1 -7.58 10.28 10.22
CA CYS A 1 -6.67 11.25 9.60
C CYS A 1 -6.87 12.66 10.15
N SER A 2 -7.98 13.31 9.77
CA SER A 2 -8.31 14.71 10.03
C SER A 2 -7.39 15.63 9.21
N ASN A 3 -6.11 15.69 9.58
CA ASN A 3 -5.07 16.44 8.87
C ASN A 3 -4.48 15.59 7.76
N LEU A 4 -3.57 16.19 6.97
CA LEU A 4 -2.78 15.51 5.96
C LEU A 4 -1.54 14.93 6.64
N SER A 5 -0.34 15.15 6.05
CA SER A 5 0.97 14.79 6.56
C SER A 5 1.07 13.30 6.92
N THR A 6 0.78 12.93 8.17
CA THR A 6 0.79 11.57 8.67
C THR A 6 -0.18 10.69 7.86
N CYS A 7 -1.34 11.25 7.50
CA CYS A 7 -2.35 10.58 6.68
C CYS A 7 -1.78 10.22 5.31
N VAL A 8 -1.10 11.18 4.66
CA VAL A 8 -0.55 11.04 3.32
C VAL A 8 0.57 9.99 3.31
N LEU A 9 1.54 10.14 4.23
CA LEU A 9 2.66 9.23 4.41
C LEU A 9 2.16 7.81 4.69
N GLY A 10 1.16 7.68 5.58
CA GLY A 10 0.54 6.41 5.90
C GLY A 10 -0.09 5.77 4.67
N LYS A 11 -0.91 6.52 3.95
CA LYS A 11 -1.65 6.05 2.78
C LYS A 11 -0.70 5.49 1.72
N LEU A 12 0.29 6.28 1.28
CA LEU A 12 1.21 5.86 0.22
C LEU A 12 2.08 4.68 0.66
N SER A 13 2.50 4.63 1.93
CA SER A 13 3.30 3.55 2.47
C SER A 13 2.53 2.22 2.43
N GLN A 14 1.28 2.24 2.89
CA GLN A 14 0.38 1.10 2.85
C GLN A 14 0.13 0.67 1.39
N GLU A 15 -0.15 1.62 0.51
CA GLU A 15 -0.47 1.37 -0.89
C GLU A 15 0.67 0.63 -1.59
N LEU A 16 1.87 1.22 -1.60
CA LEU A 16 3.03 0.66 -2.28
C LEU A 16 3.43 -0.70 -1.69
N HIS A 17 3.28 -0.89 -0.37
CA HIS A 17 3.55 -2.15 0.30
C HIS A 17 2.60 -3.24 -0.20
N LYS A 18 1.29 -2.98 -0.15
CA LYS A 18 0.24 -3.93 -0.48
C LYS A 18 0.39 -4.45 -1.91
N LEU A 19 0.57 -3.55 -2.89
CA LEU A 19 0.72 -3.95 -4.29
C LEU A 19 2.05 -4.65 -4.56
N GLN A 20 3.12 -4.29 -3.82
CA GLN A 20 4.42 -4.91 -3.98
C GLN A 20 4.36 -6.38 -3.54
N THR A 21 3.90 -6.63 -2.30
CA THR A 21 3.82 -7.95 -1.71
C THR A 21 2.73 -8.80 -2.38
N TYR A 22 1.59 -8.18 -2.72
CA TYR A 22 0.40 -8.86 -3.20
C TYR A 22 -0.23 -8.03 -4.34
N PRO A 23 0.35 -8.09 -5.56
CA PRO A 23 -0.14 -7.35 -6.71
C PRO A 23 -1.49 -7.90 -7.15
N ARG A 24 -2.51 -7.03 -7.18
CA ARG A 24 -3.88 -7.33 -7.56
C ARG A 24 -4.50 -8.34 -6.58
N THR A 25 -4.37 -9.63 -6.88
CA THR A 25 -4.91 -10.75 -6.11
C THR A 25 -3.93 -11.92 -6.18
N ASP A 26 -4.29 -13.04 -5.53
CA ASP A 26 -3.57 -14.30 -5.62
C ASP A 26 -3.49 -14.76 -7.08
N VAL A 27 -4.62 -14.77 -7.78
CA VAL A 27 -4.74 -15.04 -9.20
C VAL A 27 -5.69 -14.02 -9.81
N GLY A 28 -5.23 -13.31 -10.85
CA GLY A 28 -5.94 -12.21 -11.48
C GLY A 28 -6.96 -12.72 -12.49
N ALA A 29 -7.98 -13.43 -11.99
CA ALA A 29 -9.10 -14.00 -12.75
C ALA A 29 -8.61 -15.01 -13.80
N GLY A 30 -8.23 -14.52 -14.99
CA GLY A 30 -7.70 -15.34 -16.07
C GLY A 30 -7.13 -14.40 -17.13
N THR A 31 -7.87 -14.18 -18.22
CA THR A 31 -7.52 -13.23 -19.24
C THR A 31 -7.76 -11.76 -18.83
N PRO A 32 -8.85 -11.38 -18.12
CA PRO A 32 -9.07 -9.99 -17.75
C PRO A 32 -8.26 -9.65 -16.50
N NH2 A 33 -8.11 -8.34 -16.22
HN1 NH2 A 33 -8.53 -7.65 -16.83
HN2 NH2 A 33 -7.58 -8.05 -15.41
N CYS A 1 -8.14 10.26 9.81
CA CYS A 1 -7.35 10.98 8.79
C CYS A 1 -7.60 12.48 8.87
N SER A 2 -7.36 13.07 10.07
CA SER A 2 -7.55 14.49 10.32
C SER A 2 -6.38 15.28 9.74
N ASN A 3 -5.17 15.00 10.24
CA ASN A 3 -3.93 15.62 9.77
C ASN A 3 -3.53 14.98 8.44
N LEU A 4 -3.66 15.74 7.35
CA LEU A 4 -3.33 15.32 5.99
C LEU A 4 -1.84 15.52 5.73
N SER A 5 -1.02 14.89 6.57
CA SER A 5 0.44 14.85 6.46
C SER A 5 0.90 13.50 7.01
N THR A 6 0.58 13.23 8.28
CA THR A 6 0.75 11.93 8.89
C THR A 6 -0.11 10.89 8.16
N CYS A 7 -1.39 11.23 7.91
CA CYS A 7 -2.31 10.35 7.22
C CYS A 7 -1.79 10.00 5.82
N VAL A 8 -1.56 11.02 4.97
CA VAL A 8 -1.23 10.81 3.57
C VAL A 8 0.06 10.01 3.39
N LEU A 9 1.08 10.27 4.22
CA LEU A 9 2.31 9.47 4.24
C LEU A 9 2.00 8.01 4.58
N GLY A 10 1.10 7.78 5.55
CA GLY A 10 0.63 6.45 5.90
C GLY A 10 -0.03 5.75 4.70
N LYS A 11 -0.98 6.42 4.04
CA LYS A 11 -1.74 5.87 2.93
C LYS A 11 -0.83 5.42 1.79
N LEU A 12 0.06 6.30 1.31
CA LEU A 12 0.94 5.99 0.19
C LEU A 12 1.97 4.92 0.55
N SER A 13 2.45 4.90 1.81
CA SER A 13 3.38 3.90 2.29
C SER A 13 2.74 2.50 2.27
N GLN A 14 1.50 2.41 2.79
CA GLN A 14 0.71 1.18 2.77
C GLN A 14 0.46 0.73 1.33
N GLU A 15 0.14 1.66 0.42
CA GLU A 15 -0.15 1.37 -0.97
C GLU A 15 1.02 0.68 -1.66
N LEU A 16 2.25 1.20 -1.49
CA LEU A 16 3.44 0.62 -2.09
C LEU A 16 3.92 -0.68 -1.42
N HIS A 17 3.10 -1.25 -0.51
CA HIS A 17 3.25 -2.59 0.02
C HIS A 17 2.06 -3.46 -0.36
N LYS A 18 0.87 -2.85 -0.51
CA LYS A 18 -0.39 -3.51 -0.87
C LYS A 18 -0.21 -4.30 -2.17
N LEU A 19 0.25 -3.63 -3.23
CA LEU A 19 0.71 -4.28 -4.45
C LEU A 19 2.10 -4.85 -4.21
N GLN A 20 3.14 -4.29 -4.85
CA GLN A 20 4.56 -4.57 -4.61
C GLN A 20 4.95 -5.96 -5.13
N THR A 21 4.45 -7.01 -4.47
CA THR A 21 4.67 -8.41 -4.84
C THR A 21 3.72 -8.79 -5.98
N TYR A 22 2.40 -8.75 -5.72
CA TYR A 22 1.35 -9.17 -6.64
C TYR A 22 -0.06 -8.66 -6.26
N PRO A 23 -0.52 -8.70 -4.99
CA PRO A 23 -1.91 -8.49 -4.63
C PRO A 23 -2.50 -7.13 -5.06
N ARG A 24 -3.29 -7.14 -6.13
CA ARG A 24 -4.02 -5.99 -6.68
C ARG A 24 -4.97 -6.50 -7.77
N THR A 25 -5.53 -5.59 -8.58
CA THR A 25 -6.32 -5.90 -9.76
C THR A 25 -5.57 -6.90 -10.66
N ASP A 26 -4.27 -6.66 -10.83
CA ASP A 26 -3.32 -7.57 -11.46
C ASP A 26 -3.61 -7.70 -12.96
N VAL A 27 -3.41 -6.61 -13.69
CA VAL A 27 -3.72 -6.51 -15.11
C VAL A 27 -2.58 -7.15 -15.91
N GLY A 28 -1.44 -6.46 -16.01
CA GLY A 28 -0.25 -6.96 -16.70
C GLY A 28 0.60 -7.76 -15.71
N ALA A 29 0.04 -8.85 -15.20
CA ALA A 29 0.57 -9.64 -14.08
C ALA A 29 0.82 -8.77 -12.84
N GLY A 30 0.06 -7.66 -12.70
CA GLY A 30 0.23 -6.67 -11.66
C GLY A 30 1.68 -6.19 -11.55
N THR A 31 2.13 -6.01 -10.30
CA THR A 31 3.52 -5.77 -9.98
C THR A 31 4.26 -7.13 -9.97
N PRO A 32 5.57 -7.16 -10.31
CA PRO A 32 6.35 -8.38 -10.33
C PRO A 32 6.69 -8.85 -8.92
N NH2 A 33 6.80 -10.17 -8.73
HN1 NH2 A 33 6.64 -10.80 -9.49
HN2 NH2 A 33 7.01 -10.52 -7.80
N CYS A 1 -8.31 10.46 9.37
CA CYS A 1 -7.42 11.32 8.58
C CYS A 1 -7.52 12.77 9.04
N SER A 2 -6.87 13.08 10.17
CA SER A 2 -6.90 14.40 10.79
C SER A 2 -5.77 15.28 10.26
N ASN A 3 -4.57 14.70 10.15
CA ASN A 3 -3.35 15.42 9.82
C ASN A 3 -3.34 15.89 8.36
N LEU A 4 -3.74 15.01 7.43
CA LEU A 4 -3.55 15.17 5.99
C LEU A 4 -2.06 15.37 5.69
N SER A 5 -1.21 14.58 6.37
CA SER A 5 0.24 14.62 6.29
C SER A 5 0.76 13.28 6.79
N THR A 6 0.53 12.98 8.07
CA THR A 6 0.74 11.67 8.66
C THR A 6 -0.21 10.67 7.98
N CYS A 7 -1.46 11.09 7.77
CA CYS A 7 -2.47 10.38 7.01
C CYS A 7 -1.96 10.05 5.60
N VAL A 8 -1.47 11.07 4.88
CA VAL A 8 -1.01 10.95 3.50
C VAL A 8 0.14 9.94 3.41
N LEU A 9 1.16 10.09 4.27
CA LEU A 9 2.29 9.19 4.36
C LEU A 9 1.84 7.75 4.66
N GLY A 10 0.87 7.58 5.56
CA GLY A 10 0.30 6.30 5.92
C GLY A 10 -0.35 5.61 4.71
N LYS A 11 -1.18 6.37 3.96
CA LYS A 11 -1.91 5.86 2.80
C LYS A 11 -0.97 5.38 1.71
N LEU A 12 -0.02 6.22 1.28
CA LEU A 12 0.90 5.88 0.20
C LEU A 12 1.85 4.75 0.60
N SER A 13 2.29 4.71 1.88
CA SER A 13 3.14 3.65 2.39
C SER A 13 2.41 2.30 2.34
N GLN A 14 1.16 2.28 2.81
CA GLN A 14 0.29 1.11 2.80
C GLN A 14 0.06 0.63 1.36
N GLU A 15 -0.21 1.55 0.43
CA GLU A 15 -0.45 1.25 -0.97
C GLU A 15 0.76 0.59 -1.62
N LEU A 16 1.94 1.23 -1.49
CA LEU A 16 3.20 0.73 -2.03
C LEU A 16 3.53 -0.65 -1.46
N HIS A 17 3.35 -0.84 -0.15
CA HIS A 17 3.57 -2.12 0.50
C HIS A 17 2.62 -3.20 -0.04
N LYS A 18 1.33 -2.86 -0.20
CA LYS A 18 0.30 -3.78 -0.63
C LYS A 18 0.63 -4.36 -2.02
N LEU A 19 0.88 -3.49 -3.00
CA LEU A 19 1.19 -3.91 -4.37
C LEU A 19 2.55 -4.62 -4.46
N GLN A 20 3.51 -4.24 -3.60
CA GLN A 20 4.81 -4.88 -3.54
C GLN A 20 4.65 -6.33 -3.07
N THR A 21 4.16 -6.53 -1.84
CA THR A 21 3.92 -7.83 -1.24
C THR A 21 2.51 -8.32 -1.58
N TYR A 22 2.11 -8.20 -2.85
CA TYR A 22 0.82 -8.66 -3.34
C TYR A 22 0.69 -10.19 -3.32
N PRO A 23 1.70 -10.97 -3.78
CA PRO A 23 1.61 -12.43 -3.86
C PRO A 23 1.32 -13.07 -2.51
N ARG A 24 0.04 -13.36 -2.26
CA ARG A 24 -0.48 -13.93 -1.02
C ARG A 24 -1.58 -14.91 -1.41
N THR A 25 -2.70 -14.37 -1.92
CA THR A 25 -3.70 -15.13 -2.65
C THR A 25 -3.17 -15.34 -4.07
N ASP A 26 -2.81 -14.24 -4.73
CA ASP A 26 -2.13 -14.19 -6.03
C ASP A 26 -3.03 -14.60 -7.20
N VAL A 27 -2.76 -14.02 -8.37
CA VAL A 27 -3.39 -14.36 -9.65
C VAL A 27 -2.33 -14.47 -10.73
N GLY A 28 -2.70 -15.05 -11.88
CA GLY A 28 -1.81 -15.21 -13.02
C GLY A 28 -2.58 -15.74 -14.23
N ALA A 29 -1.91 -15.74 -15.40
CA ALA A 29 -2.48 -16.18 -16.67
C ALA A 29 -1.36 -16.56 -17.63
N GLY A 30 -1.72 -17.26 -18.72
CA GLY A 30 -0.80 -17.70 -19.75
C GLY A 30 -1.57 -18.30 -20.91
N THR A 31 -2.25 -19.43 -20.64
CA THR A 31 -3.13 -20.11 -21.59
C THR A 31 -4.37 -20.57 -20.82
N PRO A 32 -5.39 -19.71 -20.68
CA PRO A 32 -6.64 -20.02 -19.98
C PRO A 32 -7.34 -21.25 -20.56
N NH2 A 33 -8.06 -21.99 -19.71
HN1 NH2 A 33 -8.55 -22.82 -20.04
HN2 NH2 A 33 -8.12 -21.72 -18.74
N CYS A 1 -7.89 9.96 9.71
CA CYS A 1 -7.06 10.75 8.77
C CYS A 1 -6.69 12.10 9.38
N SER A 2 -7.63 13.05 9.34
CA SER A 2 -7.50 14.39 9.92
C SER A 2 -6.34 15.18 9.32
N ASN A 3 -5.15 15.07 9.92
CA ASN A 3 -3.95 15.78 9.50
C ASN A 3 -3.45 15.19 8.18
N LEU A 4 -3.45 16.02 7.12
CA LEU A 4 -3.03 15.62 5.78
C LEU A 4 -1.51 15.69 5.67
N SER A 5 -0.83 14.88 6.49
CA SER A 5 0.61 14.70 6.54
C SER A 5 0.87 13.29 7.06
N THR A 6 0.40 12.99 8.28
CA THR A 6 0.41 11.66 8.85
C THR A 6 -0.49 10.74 8.01
N CYS A 7 -1.68 11.22 7.65
CA CYS A 7 -2.66 10.49 6.86
C CYS A 7 -2.09 10.10 5.49
N VAL A 8 -1.58 11.08 4.73
CA VAL A 8 -1.09 10.88 3.38
C VAL A 8 0.15 9.97 3.35
N LEU A 9 1.09 10.15 4.28
CA LEU A 9 2.26 9.28 4.41
C LEU A 9 1.82 7.85 4.72
N GLY A 10 0.89 7.68 5.66
CA GLY A 10 0.31 6.39 6.00
C GLY A 10 -0.31 5.70 4.78
N LYS A 11 -1.10 6.46 3.99
CA LYS A 11 -1.83 5.97 2.84
C LYS A 11 -0.87 5.46 1.76
N LEU A 12 0.10 6.29 1.34
CA LEU A 12 1.01 5.93 0.26
C LEU A 12 1.95 4.79 0.66
N SER A 13 2.39 4.75 1.93
CA SER A 13 3.21 3.66 2.44
C SER A 13 2.45 2.34 2.40
N GLN A 14 1.21 2.35 2.90
CA GLN A 14 0.30 1.21 2.86
C GLN A 14 0.08 0.73 1.42
N GLU A 15 -0.20 1.65 0.50
CA GLU A 15 -0.53 1.35 -0.88
C GLU A 15 0.66 0.70 -1.61
N LEU A 16 1.85 1.28 -1.47
CA LEU A 16 3.08 0.76 -2.06
C LEU A 16 3.41 -0.62 -1.49
N HIS A 17 3.25 -0.81 -0.17
CA HIS A 17 3.50 -2.09 0.48
C HIS A 17 2.50 -3.16 0.03
N LYS A 18 1.23 -2.78 -0.16
CA LYS A 18 0.16 -3.67 -0.60
C LYS A 18 0.44 -4.18 -2.02
N LEU A 19 0.75 -3.25 -2.95
CA LEU A 19 1.08 -3.58 -4.32
C LEU A 19 2.43 -4.30 -4.34
N GLN A 20 3.53 -3.54 -4.20
CA GLN A 20 4.90 -4.02 -4.05
C GLN A 20 5.39 -4.78 -5.28
N THR A 21 5.04 -6.08 -5.38
CA THR A 21 5.31 -6.92 -6.53
C THR A 21 4.24 -6.69 -7.60
N TYR A 22 2.96 -6.72 -7.18
CA TYR A 22 1.77 -6.64 -8.02
C TYR A 22 1.91 -7.48 -9.30
N PRO A 23 1.78 -8.82 -9.20
CA PRO A 23 1.93 -9.74 -10.32
C PRO A 23 0.98 -9.42 -11.47
N ARG A 24 1.41 -9.75 -12.69
CA ARG A 24 0.62 -9.71 -13.91
C ARG A 24 -0.33 -10.91 -13.92
N THR A 25 -1.39 -10.85 -13.09
CA THR A 25 -2.40 -11.89 -12.89
C THR A 25 -1.74 -13.25 -12.63
N ASP A 26 -1.22 -13.43 -11.40
CA ASP A 26 -0.56 -14.63 -10.90
C ASP A 26 0.87 -14.74 -11.44
N VAL A 27 1.01 -14.77 -12.77
CA VAL A 27 2.30 -14.71 -13.46
C VAL A 27 2.99 -13.40 -13.07
N GLY A 28 4.31 -13.46 -12.82
CA GLY A 28 5.07 -12.31 -12.34
C GLY A 28 4.98 -11.13 -13.31
N ALA A 29 5.59 -11.28 -14.49
CA ALA A 29 5.58 -10.27 -15.54
C ALA A 29 5.92 -10.95 -16.86
N GLY A 30 5.01 -11.81 -17.35
CA GLY A 30 5.26 -12.70 -18.47
C GLY A 30 5.99 -13.95 -17.97
N THR A 31 7.16 -13.74 -17.36
CA THR A 31 7.88 -14.77 -16.62
C THR A 31 7.13 -15.05 -15.32
N PRO A 32 6.89 -16.33 -14.96
CA PRO A 32 6.14 -16.70 -13.76
C PRO A 32 6.97 -16.39 -12.50
N NH2 A 33 6.30 -15.91 -11.45
HN1 NH2 A 33 6.79 -15.69 -10.60
HN2 NH2 A 33 5.30 -15.76 -11.51
N CYS A 1 -9.21 11.59 8.96
CA CYS A 1 -7.84 12.11 9.07
C CYS A 1 -7.83 13.63 9.13
N SER A 2 -7.58 14.19 10.32
CA SER A 2 -7.35 15.62 10.52
C SER A 2 -5.95 15.98 9.99
N ASN A 3 -4.94 15.23 10.44
CA ASN A 3 -3.55 15.41 10.02
C ASN A 3 -3.33 14.75 8.66
N LEU A 4 -3.70 15.48 7.60
CA LEU A 4 -3.51 15.06 6.21
C LEU A 4 -2.05 15.28 5.82
N SER A 5 -1.17 14.44 6.37
CA SER A 5 0.27 14.52 6.23
C SER A 5 0.85 13.19 6.74
N THR A 6 0.65 12.91 8.03
CA THR A 6 0.95 11.62 8.64
C THR A 6 0.05 10.55 8.03
N CYS A 7 -1.26 10.84 7.91
CA CYS A 7 -2.25 9.97 7.29
C CYS A 7 -1.94 9.76 5.81
N VAL A 8 -1.58 10.83 5.09
CA VAL A 8 -1.25 10.78 3.68
C VAL A 8 -0.06 9.85 3.44
N LEU A 9 1.05 10.06 4.17
CA LEU A 9 2.24 9.21 4.11
C LEU A 9 1.89 7.76 4.47
N GLY A 10 1.01 7.56 5.47
CA GLY A 10 0.54 6.24 5.89
C GLY A 10 -0.16 5.50 4.74
N LYS A 11 -1.09 6.19 4.06
CA LYS A 11 -1.85 5.63 2.94
C LYS A 11 -0.93 5.28 1.77
N LEU A 12 0.01 6.16 1.43
CA LEU A 12 0.96 5.95 0.33
C LEU A 12 1.84 4.72 0.62
N SER A 13 2.48 4.69 1.79
CA SER A 13 3.35 3.60 2.19
C SER A 13 2.60 2.25 2.22
N GLN A 14 1.36 2.26 2.73
CA GLN A 14 0.50 1.09 2.79
C GLN A 14 0.20 0.58 1.38
N GLU A 15 -0.18 1.47 0.46
CA GLU A 15 -0.51 1.14 -0.92
C GLU A 15 0.70 0.54 -1.65
N LEU A 16 1.86 1.19 -1.53
CA LEU A 16 3.12 0.76 -2.14
C LEU A 16 3.53 -0.62 -1.63
N HIS A 17 3.39 -0.88 -0.33
CA HIS A 17 3.68 -2.18 0.28
C HIS A 17 2.73 -3.25 -0.25
N LYS A 18 1.42 -2.95 -0.23
CA LYS A 18 0.35 -3.86 -0.63
C LYS A 18 0.55 -4.33 -2.08
N LEU A 19 0.84 -3.38 -2.98
CA LEU A 19 1.13 -3.67 -4.38
C LEU A 19 2.58 -4.16 -4.48
N GLN A 20 3.54 -3.24 -4.65
CA GLN A 20 4.97 -3.49 -4.73
C GLN A 20 5.36 -4.10 -6.08
N THR A 21 4.97 -5.37 -6.30
CA THR A 21 5.31 -6.13 -7.50
C THR A 21 4.24 -5.96 -8.59
N TYR A 22 3.40 -4.91 -8.51
CA TYR A 22 2.21 -4.71 -9.32
C TYR A 22 1.40 -6.02 -9.50
N PRO A 23 0.88 -6.57 -8.38
CA PRO A 23 0.34 -7.92 -8.34
C PRO A 23 -1.08 -8.02 -8.89
N ARG A 24 -1.51 -9.27 -9.09
CA ARG A 24 -2.87 -9.64 -9.49
C ARG A 24 -3.89 -9.31 -8.40
N THR A 25 -3.51 -9.48 -7.12
CA THR A 25 -4.35 -9.24 -5.95
C THR A 25 -3.52 -8.55 -4.87
N ASP A 26 -4.17 -8.16 -3.76
CA ASP A 26 -3.53 -7.50 -2.63
C ASP A 26 -2.48 -8.43 -2.02
N VAL A 27 -1.19 -8.11 -2.23
CA VAL A 27 -0.05 -8.95 -1.92
C VAL A 27 -0.19 -10.30 -2.64
N GLY A 28 -0.15 -10.26 -3.98
CA GLY A 28 -0.19 -11.44 -4.83
C GLY A 28 1.24 -11.95 -5.03
N ALA A 29 1.69 -12.81 -4.12
CA ALA A 29 3.04 -13.34 -4.11
C ALA A 29 3.16 -14.50 -5.10
N GLY A 30 3.24 -14.19 -6.39
CA GLY A 30 3.42 -15.16 -7.46
C GLY A 30 3.28 -14.53 -8.83
N THR A 31 3.88 -13.35 -9.03
CA THR A 31 3.91 -12.62 -10.31
C THR A 31 4.97 -11.52 -10.22
N PRO A 32 5.73 -11.25 -11.31
CA PRO A 32 6.75 -10.21 -11.33
C PRO A 32 6.10 -8.82 -11.37
N NH2 A 33 6.86 -7.79 -10.99
HN1 NH2 A 33 6.48 -6.86 -10.97
HN2 NH2 A 33 7.82 -7.96 -10.70
N CYS A 1 -7.78 9.36 9.02
CA CYS A 1 -6.98 10.32 8.25
C CYS A 1 -6.54 11.49 9.14
N SER A 2 -5.41 11.30 9.83
CA SER A 2 -4.80 12.30 10.70
C SER A 2 -4.26 13.47 9.87
N ASN A 3 -5.03 14.56 9.81
CA ASN A 3 -4.69 15.77 9.09
C ASN A 3 -4.55 15.48 7.59
N LEU A 4 -3.56 16.09 6.94
CA LEU A 4 -3.24 15.87 5.53
C LEU A 4 -1.71 15.81 5.37
N SER A 5 -1.06 15.06 6.26
CA SER A 5 0.38 14.89 6.30
C SER A 5 0.70 13.49 6.81
N THR A 6 0.30 13.20 8.05
CA THR A 6 0.37 11.85 8.63
C THR A 6 -0.58 10.92 7.86
N CYS A 7 -1.77 11.42 7.51
CA CYS A 7 -2.73 10.74 6.64
C CYS A 7 -2.10 10.39 5.28
N VAL A 8 -1.45 11.36 4.65
CA VAL A 8 -0.85 11.20 3.32
C VAL A 8 0.26 10.15 3.36
N LEU A 9 1.22 10.31 4.27
CA LEU A 9 2.32 9.36 4.46
C LEU A 9 1.79 7.96 4.78
N GLY A 10 0.72 7.88 5.59
CA GLY A 10 0.06 6.62 5.94
C GLY A 10 -0.51 5.93 4.70
N LYS A 11 -1.20 6.69 3.83
CA LYS A 11 -1.82 6.17 2.63
C LYS A 11 -0.76 5.68 1.64
N LEU A 12 0.32 6.44 1.46
CA LEU A 12 1.43 6.07 0.57
C LEU A 12 2.10 4.80 1.07
N SER A 13 2.38 4.70 2.37
CA SER A 13 2.97 3.53 2.99
C SER A 13 2.10 2.30 2.77
N GLN A 14 0.79 2.43 3.01
CA GLN A 14 -0.21 1.40 2.78
C GLN A 14 -0.19 0.94 1.33
N GLU A 15 -0.21 1.88 0.39
CA GLU A 15 -0.28 1.61 -1.05
C GLU A 15 0.95 0.85 -1.53
N LEU A 16 2.14 1.30 -1.13
CA LEU A 16 3.41 0.67 -1.47
C LEU A 16 3.49 -0.74 -0.89
N HIS A 17 3.06 -0.93 0.35
CA HIS A 17 3.05 -2.23 1.03
C HIS A 17 2.07 -3.19 0.34
N LYS A 18 0.90 -2.70 -0.06
CA LYS A 18 -0.15 -3.46 -0.71
C LYS A 18 0.29 -3.93 -2.09
N LEU A 19 0.57 -2.99 -2.99
CA LEU A 19 0.93 -3.27 -4.37
C LEU A 19 2.30 -3.94 -4.42
N GLN A 20 3.35 -3.19 -4.02
CA GLN A 20 4.70 -3.67 -3.81
C GLN A 20 5.33 -4.16 -5.13
N THR A 21 5.24 -5.47 -5.39
CA THR A 21 5.64 -6.09 -6.65
C THR A 21 4.75 -5.61 -7.80
N TYR A 22 3.47 -5.31 -7.48
CA TYR A 22 2.46 -4.57 -8.23
C TYR A 22 1.17 -5.38 -8.41
N PRO A 23 1.14 -6.47 -9.20
CA PRO A 23 -0.04 -7.33 -9.28
C PRO A 23 -0.29 -7.99 -7.91
N ARG A 24 0.70 -8.72 -7.40
CA ARG A 24 0.75 -9.23 -6.04
C ARG A 24 2.20 -9.58 -5.72
N THR A 25 2.51 -9.73 -4.42
CA THR A 25 3.81 -10.19 -3.95
C THR A 25 3.91 -11.68 -4.25
N ASP A 26 4.45 -12.02 -5.44
CA ASP A 26 4.54 -13.37 -5.94
C ASP A 26 5.36 -14.25 -4.98
N VAL A 27 4.80 -15.41 -4.62
CA VAL A 27 5.29 -16.29 -3.56
C VAL A 27 5.22 -15.56 -2.23
N GLY A 28 4.07 -15.67 -1.55
CA GLY A 28 3.79 -14.99 -0.29
C GLY A 28 3.01 -13.70 -0.56
N ALA A 29 1.81 -13.84 -1.15
CA ALA A 29 0.92 -12.73 -1.45
C ALA A 29 0.05 -12.43 -0.24
N GLY A 30 0.69 -12.03 0.87
CA GLY A 30 0.05 -11.83 2.16
C GLY A 30 -0.84 -10.59 2.14
N THR A 31 -0.23 -9.40 2.06
CA THR A 31 -0.94 -8.13 2.06
C THR A 31 -1.87 -8.03 0.84
N PRO A 32 -1.40 -8.24 -0.41
CA PRO A 32 -2.28 -8.41 -1.56
C PRO A 32 -2.83 -9.85 -1.60
N NH2 A 33 -3.66 -10.21 -0.61
HN1 NH2 A 33 -4.04 -11.14 -0.58
HN2 NH2 A 33 -3.89 -9.54 0.12
N CYS A 1 -8.23 10.38 9.47
CA CYS A 1 -7.40 11.18 8.55
C CYS A 1 -7.47 12.66 8.91
N SER A 2 -7.07 13.00 10.15
CA SER A 2 -7.14 14.35 10.68
C SER A 2 -6.02 15.20 10.08
N ASN A 3 -4.76 14.90 10.44
CA ASN A 3 -3.60 15.57 9.90
C ASN A 3 -3.34 15.06 8.48
N LEU A 4 -3.46 15.94 7.49
CA LEU A 4 -3.24 15.63 6.08
C LEU A 4 -1.74 15.69 5.76
N SER A 5 -0.98 14.83 6.44
CA SER A 5 0.46 14.68 6.30
C SER A 5 0.82 13.31 6.87
N THR A 6 0.44 13.05 8.13
CA THR A 6 0.50 11.73 8.74
C THR A 6 -0.40 10.77 7.96
N CYS A 7 -1.63 11.21 7.65
CA CYS A 7 -2.57 10.44 6.84
C CYS A 7 -2.01 10.17 5.45
N VAL A 8 -1.42 11.18 4.81
CA VAL A 8 -0.89 11.09 3.45
C VAL A 8 0.25 10.06 3.40
N LEU A 9 1.25 10.20 4.27
CA LEU A 9 2.37 9.29 4.38
C LEU A 9 1.89 7.86 4.67
N GLY A 10 0.95 7.71 5.62
CA GLY A 10 0.36 6.43 5.97
C GLY A 10 -0.27 5.75 4.74
N LYS A 11 -1.09 6.50 4.00
CA LYS A 11 -1.82 6.02 2.83
C LYS A 11 -0.87 5.48 1.78
N LEU A 12 0.10 6.30 1.32
CA LEU A 12 1.00 5.92 0.25
C LEU A 12 1.93 4.78 0.65
N SER A 13 2.38 4.74 1.92
CA SER A 13 3.24 3.69 2.45
C SER A 13 2.53 2.34 2.41
N GLN A 14 1.26 2.31 2.86
CA GLN A 14 0.43 1.10 2.79
C GLN A 14 0.16 0.71 1.35
N GLU A 15 -0.20 1.68 0.49
CA GLU A 15 -0.55 1.44 -0.90
C GLU A 15 0.57 0.71 -1.64
N LEU A 16 1.79 1.27 -1.61
CA LEU A 16 2.94 0.66 -2.27
C LEU A 16 3.31 -0.69 -1.65
N HIS A 17 3.17 -0.84 -0.32
CA HIS A 17 3.50 -2.08 0.39
C HIS A 17 2.57 -3.22 -0.03
N LYS A 18 1.27 -2.95 -0.13
CA LYS A 18 0.24 -3.90 -0.53
C LYS A 18 0.57 -4.54 -1.88
N LEU A 19 0.79 -3.72 -2.91
CA LEU A 19 1.08 -4.19 -4.26
C LEU A 19 2.51 -4.72 -4.42
N GLN A 20 3.46 -4.22 -3.62
CA GLN A 20 4.85 -4.68 -3.64
C GLN A 20 4.92 -6.17 -3.27
N THR A 21 4.19 -6.57 -2.23
CA THR A 21 4.08 -7.96 -1.81
C THR A 21 3.17 -8.71 -2.81
N TYR A 22 1.91 -8.98 -2.42
CA TYR A 22 0.93 -9.72 -3.22
C TYR A 22 -0.44 -9.85 -2.53
N PRO A 23 -0.56 -10.10 -1.20
CA PRO A 23 -1.85 -10.33 -0.58
C PRO A 23 -2.78 -9.12 -0.67
N ARG A 24 -2.22 -7.93 -0.37
CA ARG A 24 -2.92 -6.67 -0.21
C ARG A 24 -3.73 -6.68 1.08
N THR A 25 -4.82 -7.47 1.11
CA THR A 25 -5.55 -7.80 2.33
C THR A 25 -4.65 -8.72 3.16
N ASP A 26 -4.34 -8.31 4.40
CA ASP A 26 -3.34 -8.94 5.25
C ASP A 26 -1.99 -8.93 4.54
N VAL A 27 -1.44 -7.72 4.35
CA VAL A 27 -0.25 -7.44 3.56
C VAL A 27 0.96 -8.28 4.01
N GLY A 28 1.67 -8.86 3.04
CA GLY A 28 2.85 -9.68 3.28
C GLY A 28 2.49 -11.05 3.84
N ALA A 29 3.45 -11.98 3.80
CA ALA A 29 3.31 -13.31 4.39
C ALA A 29 3.26 -13.19 5.91
N GLY A 30 4.33 -12.65 6.50
CA GLY A 30 4.40 -12.33 7.92
C GLY A 30 3.73 -10.97 8.16
N THR A 31 2.39 -10.98 8.20
CA THR A 31 1.58 -9.77 8.32
C THR A 31 1.82 -9.10 9.67
N PRO A 32 2.15 -7.80 9.71
CA PRO A 32 2.45 -7.09 10.94
C PRO A 32 1.18 -6.85 11.77
N NH2 A 33 0.10 -6.41 11.13
HN1 NH2 A 33 -0.76 -6.24 11.63
HN2 NH2 A 33 0.13 -6.26 10.12
#